data_3UIB
#
_entry.id   3UIB
#
_cell.length_a   80.900
_cell.length_b   80.900
_cell.length_c   131.020
_cell.angle_alpha   90.00
_cell.angle_beta   90.00
_cell.angle_gamma   90.00
#
_symmetry.space_group_name_H-M   'P 43 21 2'
#
loop_
_entity.id
_entity.type
_entity.pdbx_description
1 polymer 'mitogen-activated protein kinase'
2 non-polymer 4-[5-(4-FLUORO-PHENYL)-2-(4-METHANESULFINYL-PHENYL)-3H-IMIDAZOL-4-YL]-PYRIDINE
3 water water
#
_entity_poly.entity_id   1
_entity_poly.type   'polypeptide(L)'
_entity_poly.pdbx_seq_one_letter_code
;SMQAKGEAAMRDLIAELHAMQSPYTVQRFISSGSYGAVCAGVDSEGIPVAIKRVFNTVSDGRTVNILSDSFLCKRVLREI
RLLNHFHHPNILGLRDIFVHFEEPAMHKLYLVTELMRTDLAQVIHDQRIVISPQHIQYFMYHILLGLHVLHEAGVVHRDL
HPGNILLADNNDITICDFNLAREDTADANKTHYVTHRWYRAPELVMQFKGFTKLVDMWSAGCVMAEMFNRKALFRGSTFY
NQLNKIVEVVGTPKIEDVVMFSSPSARDYLRNSLSNVPARAWTAVVPTADPVALDLIAKMLEFNPQRRISTEQALRHPYF
ESLFDPLDLTEGLSERFHFDESVTDVYDMHKIFTAEVERFND
;
_entity_poly.pdbx_strand_id   A
#
loop_
_chem_comp.id
_chem_comp.type
_chem_comp.name
_chem_comp.formula
SB2 non-polymer 4-[5-(4-FLUORO-PHENYL)-2-(4-METHANESULFINYL-PHENYL)-3H-IMIDAZOL-4-YL]-PYRIDINE 'C21 H16 F N3 O S'
#
# COMPACT_ATOMS: atom_id res chain seq x y z
N ALA A 8 7.27 15.07 -24.78
CA ALA A 8 6.14 14.99 -25.70
C ALA A 8 5.22 13.82 -25.32
N ALA A 9 3.94 14.15 -25.02
CA ALA A 9 2.91 13.18 -24.63
C ALA A 9 1.51 13.65 -25.00
N MET A 10 1.21 14.95 -24.75
CA MET A 10 -0.09 15.60 -25.02
C MET A 10 -0.50 15.58 -26.50
N ARG A 11 0.48 15.63 -27.42
CA ARG A 11 0.28 15.63 -28.87
C ARG A 11 -0.25 14.27 -29.39
N ASP A 12 -0.01 13.19 -28.66
CA ASP A 12 -0.46 11.84 -29.01
C ASP A 12 -1.97 11.67 -28.85
N LEU A 13 -2.58 12.44 -27.93
CA LEU A 13 -4.02 12.39 -27.65
C LEU A 13 -4.88 13.30 -28.55
N ILE A 14 -4.23 14.11 -29.41
CA ILE A 14 -4.94 14.99 -30.35
C ILE A 14 -5.65 14.19 -31.45
N ALA A 15 -5.14 12.98 -31.76
CA ALA A 15 -5.68 12.03 -32.73
C ALA A 15 -6.64 11.04 -32.04
N GLU A 16 -6.63 11.01 -30.70
CA GLU A 16 -7.47 10.13 -29.88
C GLU A 16 -8.74 10.86 -29.39
N LEU A 17 -8.67 11.59 -28.26
CA LEU A 17 -9.80 12.33 -27.66
C LEU A 17 -9.57 13.83 -27.75
N VAL A 26 -7.39 18.53 -22.33
CA VAL A 26 -7.06 17.18 -21.90
C VAL A 26 -5.63 17.05 -21.28
N GLN A 27 -4.85 18.15 -21.29
CA GLN A 27 -3.49 18.16 -20.75
C GLN A 27 -3.25 19.20 -19.65
N ARG A 28 -2.23 18.95 -18.79
CA ARG A 28 -1.81 19.82 -17.69
C ARG A 28 -0.37 19.52 -17.26
N TYR A 35 7.00 2.26 -14.56
CA TYR A 35 5.64 1.74 -14.64
C TYR A 35 4.79 2.40 -15.75
N GLY A 36 5.01 3.70 -15.96
CA GLY A 36 4.30 4.49 -16.95
C GLY A 36 4.45 5.99 -16.72
N ALA A 37 3.79 6.80 -17.57
CA ALA A 37 3.84 8.25 -17.47
C ALA A 37 2.45 8.84 -17.15
N VAL A 38 2.33 9.45 -15.95
CA VAL A 38 1.08 10.04 -15.47
C VAL A 38 0.99 11.54 -15.74
N CYS A 39 -0.15 11.98 -16.30
CA CYS A 39 -0.44 13.39 -16.62
C CYS A 39 -1.92 13.74 -16.39
N ALA A 40 -2.16 14.97 -15.91
CA ALA A 40 -3.50 15.50 -15.60
C ALA A 40 -4.23 16.07 -16.84
N GLY A 41 -5.50 16.38 -16.67
CA GLY A 41 -6.35 16.94 -17.71
C GLY A 41 -7.84 16.81 -17.48
N VAL A 42 -8.64 17.41 -18.37
CA VAL A 42 -10.11 17.38 -18.32
C VAL A 42 -10.66 16.27 -19.24
N ASP A 43 -11.84 15.72 -18.90
CA ASP A 43 -12.49 14.66 -19.68
C ASP A 43 -13.31 15.23 -20.86
N SER A 44 -14.21 14.40 -21.47
CA SER A 44 -15.10 14.79 -22.56
C SER A 44 -16.03 15.91 -22.06
N GLU A 45 -16.44 15.81 -20.78
CA GLU A 45 -17.23 16.79 -20.03
C GLU A 45 -16.28 17.38 -18.97
N GLY A 46 -16.69 18.46 -18.29
CA GLY A 46 -15.90 19.14 -17.29
C GLY A 46 -15.61 18.35 -16.02
N ILE A 47 -14.75 17.32 -16.13
CA ILE A 47 -14.35 16.45 -15.01
C ILE A 47 -12.81 16.37 -14.91
N PRO A 48 -12.19 16.65 -13.73
CA PRO A 48 -10.73 16.54 -13.64
C PRO A 48 -10.28 15.09 -13.46
N VAL A 49 -9.51 14.58 -14.44
CA VAL A 49 -9.04 13.19 -14.49
C VAL A 49 -7.51 13.06 -14.54
N ALA A 50 -7.01 11.82 -14.37
CA ALA A 50 -5.59 11.47 -14.41
C ALA A 50 -5.39 10.40 -15.50
N ILE A 51 -4.56 10.72 -16.51
CA ILE A 51 -4.29 9.82 -17.63
C ILE A 51 -2.86 9.29 -17.57
N LYS A 52 -2.72 7.95 -17.52
CA LYS A 52 -1.44 7.24 -17.48
C LYS A 52 -1.16 6.63 -18.84
N ARG A 53 0.05 6.89 -19.38
CA ARG A 53 0.47 6.36 -20.68
C ARG A 53 1.63 5.37 -20.52
N VAL A 54 1.40 4.12 -20.95
CA VAL A 54 2.39 3.02 -20.92
C VAL A 54 2.44 2.34 -22.30
N PHE A 55 3.63 2.31 -22.93
CA PHE A 55 3.79 1.72 -24.27
C PHE A 55 5.10 0.95 -24.48
N ASN A 56 6.25 1.54 -24.06
CA ASN A 56 7.57 0.93 -24.23
C ASN A 56 8.54 1.19 -23.08
N THR A 57 9.53 0.28 -22.90
CA THR A 57 10.58 0.36 -21.87
C THR A 57 11.92 -0.20 -22.36
N ASN A 65 7.96 -3.27 -27.32
CA ASN A 65 6.60 -3.01 -26.87
C ASN A 65 6.27 -3.77 -25.59
N ILE A 66 5.35 -3.22 -24.77
CA ILE A 66 4.89 -3.82 -23.51
C ILE A 66 3.61 -4.64 -23.74
N LEU A 67 2.61 -4.03 -24.44
CA LEU A 67 1.33 -4.67 -24.76
C LEU A 67 1.45 -5.86 -25.72
N SER A 68 2.61 -6.01 -26.39
CA SER A 68 2.91 -7.11 -27.31
C SER A 68 3.67 -8.24 -26.60
N ASP A 69 4.69 -7.87 -25.79
CA ASP A 69 5.51 -8.80 -25.00
C ASP A 69 4.63 -9.46 -23.93
N SER A 70 4.30 -10.75 -24.15
CA SER A 70 3.43 -11.60 -23.31
C SER A 70 3.68 -11.55 -21.81
N PHE A 71 4.94 -11.32 -21.37
CA PHE A 71 5.28 -11.21 -19.96
C PHE A 71 4.78 -9.90 -19.35
N LEU A 72 5.19 -8.74 -19.92
CA LEU A 72 4.81 -7.41 -19.43
C LEU A 72 3.35 -7.03 -19.74
N CYS A 73 2.76 -7.66 -20.77
CA CYS A 73 1.36 -7.49 -21.16
C CYS A 73 0.49 -8.08 -20.05
N LYS A 74 0.90 -9.25 -19.51
CA LYS A 74 0.26 -9.96 -18.40
C LYS A 74 0.28 -9.12 -17.12
N ARG A 75 1.35 -8.32 -16.91
CA ARG A 75 1.50 -7.42 -15.76
C ARG A 75 0.56 -6.22 -15.86
N VAL A 76 0.43 -5.64 -17.08
CA VAL A 76 -0.46 -4.50 -17.37
C VAL A 76 -1.94 -4.95 -17.29
N LEU A 77 -2.23 -6.16 -17.83
CA LEU A 77 -3.56 -6.78 -17.78
C LEU A 77 -3.97 -7.01 -16.32
N ARG A 78 -3.00 -7.43 -15.47
CA ARG A 78 -3.20 -7.66 -14.04
C ARG A 78 -3.64 -6.38 -13.33
N GLU A 79 -3.03 -5.22 -13.69
CA GLU A 79 -3.39 -3.91 -13.11
C GLU A 79 -4.83 -3.53 -13.46
N ILE A 80 -5.17 -3.59 -14.77
CA ILE A 80 -6.50 -3.29 -15.33
C ILE A 80 -7.57 -4.17 -14.66
N ARG A 81 -7.33 -5.49 -14.61
CA ARG A 81 -8.25 -6.45 -13.99
C ARG A 81 -8.44 -6.20 -12.50
N LEU A 82 -7.38 -5.76 -11.79
CA LEU A 82 -7.44 -5.41 -10.37
C LEU A 82 -8.24 -4.13 -10.16
N LEU A 83 -7.92 -3.05 -10.92
CA LEU A 83 -8.63 -1.77 -10.82
C LEU A 83 -10.13 -1.94 -11.07
N ASN A 84 -10.49 -2.77 -12.09
CA ASN A 84 -11.87 -3.06 -12.45
C ASN A 84 -12.59 -3.99 -11.46
N HIS A 85 -11.83 -4.80 -10.70
CA HIS A 85 -12.39 -5.74 -9.71
C HIS A 85 -13.05 -5.02 -8.52
N PHE A 86 -12.45 -3.91 -8.06
CA PHE A 86 -12.92 -3.14 -6.91
C PHE A 86 -13.78 -1.94 -7.28
N HIS A 87 -14.75 -1.64 -6.40
CA HIS A 87 -15.70 -0.53 -6.52
C HIS A 87 -15.98 0.02 -5.10
N HIS A 88 -14.91 0.48 -4.42
CA HIS A 88 -14.94 1.00 -3.04
C HIS A 88 -14.34 2.42 -2.97
N PRO A 89 -14.91 3.34 -2.15
CA PRO A 89 -14.35 4.70 -2.07
C PRO A 89 -12.87 4.82 -1.67
N ASN A 90 -12.32 3.82 -0.96
CA ASN A 90 -10.92 3.81 -0.51
C ASN A 90 -9.93 3.11 -1.46
N ILE A 91 -10.41 2.61 -2.60
CA ILE A 91 -9.60 1.89 -3.61
C ILE A 91 -9.76 2.58 -4.95
N LEU A 92 -8.63 2.90 -5.62
CA LEU A 92 -8.61 3.57 -6.93
C LEU A 92 -9.27 2.72 -8.03
N GLY A 93 -10.22 3.33 -8.73
CA GLY A 93 -10.96 2.70 -9.80
C GLY A 93 -10.85 3.41 -11.12
N LEU A 94 -10.91 2.63 -12.22
CA LEU A 94 -10.83 3.17 -13.59
C LEU A 94 -12.08 3.97 -13.94
N ARG A 95 -11.90 5.07 -14.67
CA ARG A 95 -12.97 5.95 -15.13
C ARG A 95 -13.17 5.75 -16.66
N ASP A 96 -12.12 5.21 -17.32
CA ASP A 96 -12.07 4.90 -18.76
C ASP A 96 -10.84 4.01 -18.99
N ILE A 97 -11.07 2.79 -19.52
CA ILE A 97 -10.01 1.80 -19.78
C ILE A 97 -9.48 1.94 -21.20
N LEU A 109 -0.78 2.15 -24.50
CA LEU A 109 -1.90 1.92 -23.60
C LEU A 109 -2.13 3.12 -22.67
N TYR A 110 -3.35 3.67 -22.77
CA TYR A 110 -3.84 4.83 -22.02
C TYR A 110 -4.81 4.40 -20.90
N LEU A 111 -4.61 4.91 -19.67
CA LEU A 111 -5.48 4.57 -18.54
C LEU A 111 -6.02 5.83 -17.87
N VAL A 112 -7.34 5.86 -17.62
CA VAL A 112 -8.00 7.03 -17.01
C VAL A 112 -8.69 6.67 -15.67
N THR A 113 -8.41 7.49 -14.63
CA THR A 113 -8.98 7.44 -13.27
C THR A 113 -9.27 8.90 -12.84
N GLU A 114 -9.83 9.11 -11.62
CA GLU A 114 -10.07 10.45 -11.09
C GLU A 114 -8.72 11.07 -10.71
N LEU A 115 -8.59 12.41 -10.83
CA LEU A 115 -7.34 13.07 -10.47
C LEU A 115 -7.27 13.30 -8.97
N MET A 116 -6.18 12.83 -8.33
CA MET A 116 -5.97 12.97 -6.89
C MET A 116 -5.06 14.15 -6.63
N ARG A 117 -5.55 15.11 -5.82
CA ARG A 117 -4.88 16.37 -5.43
C ARG A 117 -3.39 16.18 -5.12
N THR A 118 -3.09 15.32 -4.13
CA THR A 118 -1.75 15.01 -3.65
C THR A 118 -1.73 13.60 -3.00
N ASP A 119 -0.56 13.19 -2.47
CA ASP A 119 -0.39 11.93 -1.75
C ASP A 119 -0.07 12.22 -0.27
N LEU A 120 -0.12 11.18 0.59
CA LEU A 120 0.17 11.28 2.02
C LEU A 120 1.60 11.70 2.29
N ALA A 121 2.57 11.22 1.48
CA ALA A 121 4.00 11.53 1.59
C ALA A 121 4.24 13.03 1.56
N GLN A 122 3.58 13.73 0.61
CA GLN A 122 3.65 15.18 0.47
C GLN A 122 3.00 15.90 1.67
N VAL A 123 1.94 15.33 2.27
CA VAL A 123 1.32 15.98 3.44
C VAL A 123 2.22 15.86 4.70
N ILE A 124 2.88 14.69 4.88
CA ILE A 124 3.80 14.43 5.98
C ILE A 124 5.08 15.25 5.80
N HIS A 125 5.65 15.24 4.57
CA HIS A 125 6.90 15.93 4.25
C HIS A 125 6.80 17.45 3.96
N ASP A 126 5.70 18.07 4.41
CA ASP A 126 5.45 19.52 4.30
C ASP A 126 5.03 20.03 5.69
N GLN A 127 6.03 20.36 6.52
CA GLN A 127 5.91 20.82 7.90
C GLN A 127 4.97 22.01 8.12
N ARG A 128 4.66 22.78 7.04
CA ARG A 128 3.73 23.91 7.07
C ARG A 128 2.30 23.40 7.37
N ILE A 129 1.92 22.23 6.79
CA ILE A 129 0.64 21.55 7.00
C ILE A 129 0.75 20.76 8.31
N VAL A 130 -0.13 21.04 9.27
CA VAL A 130 -0.12 20.32 10.54
C VAL A 130 -1.14 19.17 10.53
N ILE A 131 -0.70 17.99 10.97
CA ILE A 131 -1.56 16.81 11.02
C ILE A 131 -1.93 16.57 12.48
N SER A 132 -3.17 16.93 12.83
CA SER A 132 -3.72 16.80 14.18
C SER A 132 -4.03 15.33 14.51
N PRO A 133 -4.09 14.90 15.80
CA PRO A 133 -4.45 13.50 16.09
C PRO A 133 -5.78 13.07 15.47
N GLN A 134 -6.72 14.03 15.31
CA GLN A 134 -8.03 13.84 14.68
C GLN A 134 -7.86 13.51 13.20
N HIS A 135 -6.85 14.14 12.54
CA HIS A 135 -6.54 13.88 11.12
C HIS A 135 -5.88 12.51 10.96
N ILE A 136 -4.98 12.11 11.90
CA ILE A 136 -4.30 10.81 11.87
C ILE A 136 -5.33 9.69 11.98
N GLN A 137 -6.28 9.81 12.95
CA GLN A 137 -7.35 8.86 13.22
C GLN A 137 -8.24 8.65 11.99
N TYR A 138 -8.62 9.75 11.31
CA TYR A 138 -9.44 9.70 10.10
C TYR A 138 -8.68 9.01 8.96
N PHE A 139 -7.41 9.44 8.70
CA PHE A 139 -6.55 8.88 7.66
C PHE A 139 -6.34 7.38 7.86
N MET A 140 -5.95 6.97 9.10
CA MET A 140 -5.74 5.56 9.46
C MET A 140 -6.98 4.72 9.24
N TYR A 141 -8.16 5.22 9.65
CA TYR A 141 -9.42 4.52 9.48
C TYR A 141 -9.67 4.20 8.01
N HIS A 142 -9.43 5.18 7.12
CA HIS A 142 -9.59 4.99 5.69
C HIS A 142 -8.50 4.12 5.08
N ILE A 143 -7.23 4.27 5.53
CA ILE A 143 -6.11 3.45 5.06
C ILE A 143 -6.45 1.97 5.33
N LEU A 144 -6.78 1.65 6.60
CA LEU A 144 -7.15 0.31 7.07
C LEU A 144 -8.40 -0.27 6.37
N LEU A 145 -9.38 0.61 6.01
CA LEU A 145 -10.59 0.18 5.28
C LEU A 145 -10.22 -0.27 3.89
N GLY A 146 -9.38 0.50 3.19
CA GLY A 146 -8.87 0.13 1.88
C GLY A 146 -8.13 -1.20 1.91
N LEU A 147 -7.24 -1.41 2.91
CA LEU A 147 -6.51 -2.67 3.10
C LEU A 147 -7.47 -3.81 3.36
N HIS A 148 -8.50 -3.58 4.22
CA HIS A 148 -9.53 -4.55 4.54
C HIS A 148 -10.24 -5.04 3.27
N VAL A 149 -10.58 -4.12 2.35
CA VAL A 149 -11.24 -4.42 1.07
C VAL A 149 -10.36 -5.31 0.20
N LEU A 150 -9.04 -5.02 0.14
CA LEU A 150 -8.10 -5.84 -0.61
C LEU A 150 -8.00 -7.24 0.00
N HIS A 151 -7.68 -7.32 1.32
CA HIS A 151 -7.53 -8.58 2.08
C HIS A 151 -8.73 -9.52 1.95
N GLU A 152 -9.94 -8.96 1.97
CA GLU A 152 -11.19 -9.70 1.83
C GLU A 152 -11.34 -10.32 0.42
N ALA A 153 -10.76 -9.67 -0.60
CA ALA A 153 -10.76 -10.18 -1.97
C ALA A 153 -9.54 -11.07 -2.20
N GLY A 154 -8.68 -11.17 -1.19
CA GLY A 154 -7.48 -11.99 -1.24
C GLY A 154 -6.30 -11.31 -1.88
N VAL A 155 -6.32 -9.97 -1.92
CA VAL A 155 -5.27 -9.16 -2.52
C VAL A 155 -4.35 -8.63 -1.41
N VAL A 156 -3.03 -8.75 -1.62
CA VAL A 156 -2.01 -8.24 -0.70
C VAL A 156 -1.31 -7.10 -1.45
N HIS A 157 -1.28 -5.90 -0.84
CA HIS A 157 -0.65 -4.73 -1.44
C HIS A 157 0.85 -4.99 -1.61
N ARG A 158 1.54 -5.38 -0.51
CA ARG A 158 2.97 -5.72 -0.42
C ARG A 158 3.94 -4.52 -0.46
N ASP A 159 3.48 -3.36 -0.98
CA ASP A 159 4.31 -2.16 -1.07
C ASP A 159 3.53 -0.88 -0.64
N LEU A 160 2.92 -0.93 0.56
CA LEU A 160 2.17 0.21 1.09
C LEU A 160 3.11 1.22 1.76
N HIS A 161 3.04 2.46 1.31
CA HIS A 161 3.84 3.60 1.79
C HIS A 161 3.09 4.91 1.49
N PRO A 162 3.41 6.03 2.18
CA PRO A 162 2.67 7.28 1.95
C PRO A 162 2.59 7.81 0.51
N GLY A 163 3.51 7.35 -0.34
CA GLY A 163 3.58 7.71 -1.74
C GLY A 163 2.44 7.17 -2.60
N ASN A 164 1.88 6.01 -2.21
CA ASN A 164 0.75 5.40 -2.92
C ASN A 164 -0.59 5.45 -2.15
N ILE A 165 -0.62 6.30 -1.11
CA ILE A 165 -1.81 6.60 -0.31
C ILE A 165 -2.16 8.01 -0.78
N LEU A 166 -3.10 8.09 -1.73
CA LEU A 166 -3.51 9.35 -2.38
C LEU A 166 -4.66 10.03 -1.64
N LEU A 167 -4.69 11.37 -1.68
CA LEU A 167 -5.70 12.24 -1.05
C LEU A 167 -6.51 12.99 -2.11
N ALA A 168 -7.84 12.85 -2.06
CA ALA A 168 -8.76 13.51 -2.98
C ALA A 168 -8.93 15.01 -2.69
N ASP A 169 -9.65 15.72 -3.58
CA ASP A 169 -9.94 17.15 -3.43
C ASP A 169 -10.83 17.37 -2.20
N ASN A 170 -11.68 16.36 -1.87
CA ASN A 170 -12.55 16.36 -0.69
C ASN A 170 -11.80 15.87 0.58
N ASN A 171 -10.45 15.65 0.47
CA ASN A 171 -9.50 15.22 1.51
C ASN A 171 -9.48 13.72 1.87
N ASP A 172 -10.42 12.92 1.33
CA ASP A 172 -10.49 11.48 1.62
C ASP A 172 -9.40 10.61 0.97
N ILE A 173 -9.00 9.52 1.67
CA ILE A 173 -7.94 8.59 1.28
C ILE A 173 -8.31 7.50 0.25
N THR A 174 -7.39 7.25 -0.70
CA THR A 174 -7.51 6.26 -1.77
C THR A 174 -6.17 5.54 -1.94
N ILE A 175 -6.23 4.21 -2.15
CA ILE A 175 -5.06 3.36 -2.32
C ILE A 175 -4.90 2.90 -3.78
N CYS A 176 -3.67 2.98 -4.30
CA CYS A 176 -3.27 2.52 -5.64
C CYS A 176 -1.98 1.69 -5.51
N ASP A 177 -1.43 1.21 -6.65
CA ASP A 177 -0.19 0.42 -6.73
C ASP A 177 -0.22 -0.91 -5.94
N PHE A 178 -1.40 -1.61 -5.95
CA PHE A 178 -1.57 -2.92 -5.29
C PHE A 178 -1.26 -4.08 -6.24
N ASN A 179 -0.90 -3.73 -7.50
CA ASN A 179 -0.49 -4.69 -8.53
C ASN A 179 1.03 -4.83 -8.52
N LEU A 180 1.52 -6.09 -8.46
CA LEU A 180 2.95 -6.40 -8.43
C LEU A 180 3.36 -7.34 -9.58
N TYR A 193 13.65 5.48 -6.53
CA TYR A 193 13.27 5.43 -5.12
C TYR A 193 13.98 4.29 -4.38
N VAL A 194 14.23 4.48 -3.07
CA VAL A 194 14.90 3.52 -2.16
C VAL A 194 14.07 3.41 -0.85
N THR A 195 13.61 4.57 -0.34
CA THR A 195 12.84 4.76 0.90
C THR A 195 11.65 3.82 1.11
N HIS A 196 11.10 3.20 0.04
CA HIS A 196 9.97 2.27 0.13
C HIS A 196 10.28 1.01 0.98
N ARG A 197 11.59 0.67 1.10
CA ARG A 197 12.12 -0.46 1.89
C ARG A 197 12.07 -0.22 3.43
N TRP A 198 11.57 0.96 3.86
CA TRP A 198 11.42 1.37 5.26
C TRP A 198 10.07 0.94 5.83
N TYR A 199 9.20 0.40 4.96
CA TYR A 199 7.82 0.01 5.28
C TYR A 199 7.61 -1.49 5.14
N ARG A 200 8.69 -2.22 4.79
CA ARG A 200 8.70 -3.67 4.59
C ARG A 200 8.68 -4.36 5.92
N ALA A 201 7.72 -5.28 6.11
CA ALA A 201 7.57 -6.09 7.31
C ALA A 201 8.86 -6.90 7.57
N PRO A 202 9.23 -7.24 8.83
CA PRO A 202 10.48 -7.99 9.05
C PRO A 202 10.60 -9.27 8.22
N GLU A 203 9.47 -10.00 8.02
CA GLU A 203 9.44 -11.22 7.20
C GLU A 203 9.82 -10.97 5.74
N LEU A 204 9.53 -9.77 5.19
CA LEU A 204 9.91 -9.40 3.83
C LEU A 204 11.40 -9.00 3.78
N VAL A 205 11.89 -8.29 4.83
CA VAL A 205 13.30 -7.89 4.95
C VAL A 205 14.12 -9.18 4.99
N MET A 206 13.60 -10.20 5.72
CA MET A 206 14.22 -11.52 5.85
C MET A 206 13.88 -12.46 4.69
N GLN A 207 13.39 -11.90 3.56
CA GLN A 207 13.08 -12.58 2.29
C GLN A 207 12.19 -13.84 2.43
N PHE A 208 11.21 -13.80 3.35
CA PHE A 208 10.33 -14.93 3.58
C PHE A 208 9.30 -15.10 2.47
N LYS A 209 9.29 -16.29 1.85
CA LYS A 209 8.41 -16.71 0.76
C LYS A 209 6.94 -16.83 1.16
N GLY A 210 6.69 -17.18 2.42
CA GLY A 210 5.34 -17.38 2.96
C GLY A 210 4.69 -16.17 3.62
N PHE A 211 4.95 -14.97 3.07
CA PHE A 211 4.37 -13.71 3.55
C PHE A 211 2.86 -13.70 3.27
N THR A 212 2.08 -13.07 4.17
CA THR A 212 0.62 -12.99 4.08
C THR A 212 0.16 -11.54 4.05
N LYS A 213 -1.17 -11.30 4.08
CA LYS A 213 -1.81 -9.98 4.13
C LYS A 213 -1.27 -9.13 5.29
N LEU A 214 -0.69 -9.79 6.31
CA LEU A 214 -0.12 -9.17 7.51
C LEU A 214 1.09 -8.26 7.27
N VAL A 215 1.74 -8.36 6.08
CA VAL A 215 2.84 -7.46 5.70
C VAL A 215 2.30 -6.03 5.57
N ASP A 216 1.03 -5.88 5.12
CA ASP A 216 0.31 -4.62 4.94
C ASP A 216 0.00 -3.95 6.27
N MET A 217 -0.06 -4.71 7.39
CA MET A 217 -0.32 -4.18 8.73
C MET A 217 0.90 -3.44 9.23
N TRP A 218 2.10 -4.04 9.03
CA TRP A 218 3.37 -3.47 9.42
C TRP A 218 3.58 -2.18 8.68
N SER A 219 3.34 -2.20 7.35
CA SER A 219 3.44 -1.03 6.48
C SER A 219 2.54 0.09 7.02
N ALA A 220 1.24 -0.23 7.28
CA ALA A 220 0.24 0.69 7.84
C ALA A 220 0.64 1.24 9.21
N GLY A 221 1.23 0.38 10.05
CA GLY A 221 1.73 0.73 11.38
C GLY A 221 2.90 1.70 11.31
N CYS A 222 3.72 1.58 10.25
CA CYS A 222 4.86 2.46 9.96
C CYS A 222 4.35 3.84 9.56
N VAL A 223 3.31 3.91 8.68
CA VAL A 223 2.72 5.18 8.25
C VAL A 223 1.99 5.92 9.37
N MET A 224 1.51 5.18 10.40
CA MET A 224 0.83 5.78 11.56
C MET A 224 1.83 6.54 12.43
N ALA A 225 2.97 5.92 12.76
CA ALA A 225 4.02 6.54 13.57
C ALA A 225 4.64 7.71 12.79
N GLU A 226 4.71 7.59 11.44
CA GLU A 226 5.23 8.62 10.56
C GLU A 226 4.35 9.87 10.56
N MET A 227 3.03 9.70 10.73
CA MET A 227 2.10 10.83 10.78
C MET A 227 2.25 11.64 12.08
N PHE A 228 2.65 10.97 13.18
CA PHE A 228 2.86 11.62 14.47
C PHE A 228 4.26 12.26 14.54
N ASN A 229 5.30 11.48 14.18
CA ASN A 229 6.70 11.93 14.20
C ASN A 229 7.05 12.89 13.09
N ARG A 230 6.30 12.84 11.95
CA ARG A 230 6.53 13.64 10.73
C ARG A 230 7.93 13.35 10.16
N LYS A 231 8.35 12.08 10.35
CA LYS A 231 9.64 11.48 10.02
C LYS A 231 9.41 9.96 10.03
N ALA A 232 9.85 9.22 8.98
CA ALA A 232 9.65 7.76 8.92
C ALA A 232 10.24 7.05 10.13
N LEU A 233 9.62 5.95 10.55
CA LEU A 233 10.03 5.24 11.75
C LEU A 233 11.35 4.48 11.64
N PHE A 234 11.44 3.57 10.67
CA PHE A 234 12.62 2.73 10.50
C PHE A 234 13.36 3.07 9.20
N ARG A 235 14.25 4.08 9.27
CA ARG A 235 15.01 4.59 8.12
C ARG A 235 16.36 3.88 7.95
N GLY A 236 16.31 2.64 7.47
CA GLY A 236 17.48 1.81 7.23
C GLY A 236 18.07 1.95 5.84
N SER A 237 19.33 1.52 5.68
CA SER A 237 20.11 1.58 4.43
C SER A 237 20.67 0.21 4.01
N THR A 238 20.64 -0.77 4.95
CA THR A 238 21.13 -2.14 4.75
C THR A 238 20.19 -3.16 5.39
N PHE A 239 20.37 -4.46 5.10
CA PHE A 239 19.60 -5.56 5.69
C PHE A 239 19.77 -5.60 7.22
N TYR A 240 21.01 -5.44 7.70
CA TYR A 240 21.35 -5.47 9.12
C TYR A 240 20.86 -4.25 9.87
N ASN A 241 21.13 -3.04 9.36
CA ASN A 241 20.70 -1.82 10.05
C ASN A 241 19.20 -1.56 10.03
N GLN A 242 18.47 -2.11 9.03
CA GLN A 242 17.01 -2.01 8.96
C GLN A 242 16.42 -2.91 10.04
N LEU A 243 16.98 -4.13 10.21
CA LEU A 243 16.52 -5.06 11.24
C LEU A 243 16.85 -4.57 12.63
N ASN A 244 18.04 -3.95 12.82
CA ASN A 244 18.48 -3.42 14.12
C ASN A 244 17.59 -2.26 14.58
N LYS A 245 17.19 -1.36 13.66
CA LYS A 245 16.33 -0.21 13.94
C LYS A 245 14.95 -0.69 14.41
N ILE A 246 14.45 -1.78 13.78
CA ILE A 246 13.16 -2.41 14.10
C ILE A 246 13.24 -3.00 15.53
N VAL A 247 14.23 -3.87 15.79
CA VAL A 247 14.51 -4.57 17.05
C VAL A 247 14.81 -3.58 18.22
N GLU A 248 15.46 -2.44 17.93
CA GLU A 248 15.76 -1.41 18.93
C GLU A 248 14.48 -0.80 19.53
N VAL A 249 13.40 -0.77 18.74
CA VAL A 249 12.09 -0.22 19.07
C VAL A 249 11.12 -1.31 19.56
N VAL A 250 11.10 -2.47 18.88
CA VAL A 250 10.17 -3.57 19.19
C VAL A 250 10.68 -4.64 20.18
N GLY A 251 11.98 -4.69 20.39
CA GLY A 251 12.59 -5.66 21.29
C GLY A 251 13.04 -6.91 20.56
N THR A 252 14.11 -7.54 21.08
CA THR A 252 14.70 -8.75 20.53
C THR A 252 13.68 -9.89 20.42
N PRO A 253 13.34 -10.32 19.17
CA PRO A 253 12.40 -11.44 19.02
C PRO A 253 13.11 -12.77 19.30
N LYS A 254 12.33 -13.82 19.61
CA LYS A 254 12.87 -15.15 19.89
C LYS A 254 13.52 -15.71 18.62
N ILE A 255 14.65 -16.45 18.75
CA ILE A 255 15.33 -17.05 17.60
C ILE A 255 14.41 -18.04 16.85
N GLU A 256 13.60 -18.79 17.61
CA GLU A 256 12.61 -19.77 17.12
C GLU A 256 11.56 -19.09 16.24
N ASP A 257 11.27 -17.80 16.52
CA ASP A 257 10.31 -17.02 15.74
C ASP A 257 10.94 -16.46 14.46
N VAL A 258 12.22 -16.00 14.53
CA VAL A 258 12.90 -15.46 13.34
C VAL A 258 13.13 -16.52 12.27
N VAL A 259 13.53 -17.75 12.68
CA VAL A 259 13.78 -18.90 11.79
C VAL A 259 12.49 -19.32 11.06
N MET A 260 11.33 -19.02 11.65
CA MET A 260 9.99 -19.29 11.17
C MET A 260 9.58 -18.31 10.06
N PHE A 261 10.23 -17.11 10.00
CA PHE A 261 9.90 -16.05 9.05
C PHE A 261 11.10 -15.45 8.34
N SER A 262 12.06 -16.32 8.00
CA SER A 262 13.27 -15.94 7.27
C SER A 262 13.62 -16.99 6.22
N SER A 263 14.25 -16.55 5.13
CA SER A 263 14.72 -17.41 4.05
C SER A 263 16.06 -18.03 4.54
N PRO A 264 16.54 -19.17 3.98
CA PRO A 264 17.81 -19.74 4.46
C PRO A 264 18.97 -18.75 4.46
N SER A 265 19.04 -17.90 3.42
CA SER A 265 20.07 -16.85 3.26
C SER A 265 19.96 -15.76 4.32
N ALA A 266 18.72 -15.39 4.74
CA ALA A 266 18.49 -14.39 5.78
C ALA A 266 18.97 -14.93 7.15
N ARG A 267 18.81 -16.25 7.37
CA ARG A 267 19.26 -16.97 8.58
C ARG A 267 20.79 -17.04 8.55
N ASP A 268 21.39 -17.20 7.34
CA ASP A 268 22.83 -17.25 7.13
C ASP A 268 23.47 -15.91 7.45
N TYR A 269 22.79 -14.80 7.09
CA TYR A 269 23.25 -13.45 7.37
C TYR A 269 23.20 -13.19 8.88
N LEU A 270 22.14 -13.67 9.54
CA LEU A 270 21.89 -13.52 10.97
C LEU A 270 22.45 -14.66 11.87
N ARG A 271 23.18 -15.65 11.28
CA ARG A 271 23.73 -16.81 12.02
C ARG A 271 24.50 -16.50 13.30
N ASN A 272 25.44 -15.53 13.24
CA ASN A 272 26.24 -15.08 14.37
C ASN A 272 25.71 -13.74 14.92
N SER A 273 24.71 -13.14 14.22
CA SER A 273 24.08 -11.87 14.56
C SER A 273 23.01 -12.03 15.65
N LEU A 274 23.46 -12.39 16.87
CA LEU A 274 22.58 -12.57 18.03
C LEU A 274 22.54 -11.32 18.91
N SER A 275 21.33 -10.72 19.00
CA SER A 275 21.06 -9.51 19.77
C SER A 275 20.45 -9.81 21.15
N ASN A 276 20.58 -8.86 22.08
CA ASN A 276 20.09 -8.95 23.45
C ASN A 276 19.25 -7.70 23.79
N VAL A 277 19.07 -6.82 22.77
CA VAL A 277 18.37 -5.51 22.80
C VAL A 277 16.99 -5.54 23.50
N PRO A 278 16.77 -4.69 24.54
CA PRO A 278 15.43 -4.66 25.18
C PRO A 278 14.45 -3.77 24.41
N ALA A 279 13.13 -3.99 24.61
CA ALA A 279 12.09 -3.19 23.96
C ALA A 279 12.02 -1.79 24.53
N ARG A 280 12.11 -0.77 23.65
CA ARG A 280 12.05 0.64 24.03
C ARG A 280 10.65 1.04 24.47
N ALA A 281 10.55 2.13 25.26
CA ALA A 281 9.26 2.65 25.68
C ALA A 281 8.65 3.31 24.45
N TRP A 282 7.40 2.95 24.11
CA TRP A 282 6.71 3.49 22.94
C TRP A 282 6.51 5.01 22.99
N THR A 283 6.41 5.57 24.21
CA THR A 283 6.27 7.01 24.49
C THR A 283 7.47 7.81 23.94
N ALA A 284 8.67 7.19 23.93
CA ALA A 284 9.89 7.81 23.41
C ALA A 284 9.98 7.66 21.89
N VAL A 285 9.46 6.54 21.36
CA VAL A 285 9.45 6.19 19.94
C VAL A 285 8.48 7.12 19.17
N VAL A 286 7.24 7.25 19.67
CA VAL A 286 6.17 8.07 19.08
C VAL A 286 5.64 9.03 20.20
N PRO A 287 6.29 10.20 20.41
CA PRO A 287 5.89 11.08 21.53
C PRO A 287 4.57 11.83 21.43
N THR A 288 4.12 12.17 20.21
CA THR A 288 2.86 12.90 19.99
C THR A 288 1.61 12.01 20.12
N ALA A 289 1.80 10.68 20.18
CA ALA A 289 0.69 9.73 20.30
C ALA A 289 0.25 9.53 21.74
N ASP A 290 -1.08 9.47 21.95
CA ASP A 290 -1.69 9.23 23.25
C ASP A 290 -1.61 7.71 23.59
N PRO A 291 -1.84 7.26 24.86
CA PRO A 291 -1.74 5.81 25.14
C PRO A 291 -2.59 4.88 24.27
N VAL A 292 -3.76 5.33 23.81
CA VAL A 292 -4.65 4.53 22.96
C VAL A 292 -4.03 4.33 21.57
N ALA A 293 -3.45 5.39 20.98
CA ALA A 293 -2.79 5.36 19.68
C ALA A 293 -1.53 4.51 19.73
N LEU A 294 -0.76 4.60 20.83
CA LEU A 294 0.47 3.83 21.05
C LEU A 294 0.17 2.34 21.20
N ASP A 295 -0.97 2.00 21.85
CA ASP A 295 -1.40 0.62 22.02
C ASP A 295 -1.60 -0.02 20.66
N LEU A 296 -2.31 0.69 19.73
CA LEU A 296 -2.55 0.19 18.37
C LEU A 296 -1.26 0.05 17.56
N ILE A 297 -0.40 1.10 17.54
CA ILE A 297 0.88 1.13 16.81
C ILE A 297 1.72 -0.09 17.18
N ALA A 298 1.89 -0.34 18.49
CA ALA A 298 2.65 -1.46 19.03
C ALA A 298 2.09 -2.79 18.54
N LYS A 299 0.75 -2.90 18.45
CA LYS A 299 0.07 -4.11 18.01
C LYS A 299 0.21 -4.36 16.52
N MET A 300 0.20 -3.28 15.72
CA MET A 300 0.41 -3.32 14.28
C MET A 300 1.87 -3.66 13.98
N LEU A 301 2.81 -3.14 14.81
CA LEU A 301 4.24 -3.37 14.66
C LEU A 301 4.78 -4.53 15.52
N GLU A 302 4.23 -5.73 15.29
CA GLU A 302 4.69 -6.95 15.92
C GLU A 302 5.66 -7.60 14.94
N PHE A 303 6.89 -7.90 15.41
CA PHE A 303 7.91 -8.54 14.59
C PHE A 303 7.33 -9.81 13.96
N ASN A 304 6.83 -10.74 14.79
CA ASN A 304 6.22 -12.00 14.34
C ASN A 304 4.81 -11.71 13.81
N PRO A 305 4.55 -11.98 12.51
CA PRO A 305 3.19 -11.71 11.97
C PRO A 305 2.08 -12.58 12.57
N GLN A 306 2.46 -13.65 13.30
CA GLN A 306 1.51 -14.55 13.98
C GLN A 306 0.83 -13.86 15.17
N ARG A 307 1.42 -12.73 15.66
CA ARG A 307 0.93 -11.91 16.78
C ARG A 307 0.42 -10.57 16.28
N ARG A 308 0.68 -10.24 15.01
CA ARG A 308 0.29 -8.97 14.41
C ARG A 308 -1.23 -8.83 14.35
N ILE A 309 -1.75 -7.65 14.76
CA ILE A 309 -3.19 -7.34 14.79
C ILE A 309 -3.78 -7.43 13.38
N SER A 310 -4.92 -8.13 13.24
CA SER A 310 -5.59 -8.29 11.94
C SER A 310 -6.28 -6.99 11.52
N THR A 311 -6.71 -6.91 10.24
CA THR A 311 -7.40 -5.74 9.67
C THR A 311 -8.68 -5.46 10.44
N GLU A 312 -9.47 -6.51 10.74
CA GLU A 312 -10.71 -6.37 11.50
C GLU A 312 -10.46 -5.91 12.93
N GLN A 313 -9.52 -6.57 13.62
CA GLN A 313 -9.16 -6.25 15.01
C GLN A 313 -8.63 -4.82 15.20
N ALA A 314 -7.87 -4.28 14.22
CA ALA A 314 -7.32 -2.93 14.28
C ALA A 314 -8.44 -1.93 14.11
N LEU A 315 -9.34 -2.20 13.13
CA LEU A 315 -10.51 -1.36 12.87
C LEU A 315 -11.46 -1.32 14.07
N ARG A 316 -11.50 -2.43 14.86
CA ARG A 316 -12.33 -2.59 16.04
C ARG A 316 -11.69 -2.05 17.33
N HIS A 317 -10.36 -1.77 17.30
CA HIS A 317 -9.59 -1.23 18.42
C HIS A 317 -10.22 0.09 18.96
N PRO A 318 -10.17 0.37 20.29
CA PRO A 318 -10.76 1.62 20.82
C PRO A 318 -10.28 2.93 20.20
N TYR A 319 -9.14 2.92 19.49
CA TYR A 319 -8.56 4.09 18.82
C TYR A 319 -9.56 4.71 17.81
N PHE A 320 -10.31 3.83 17.10
CA PHE A 320 -11.29 4.20 16.09
C PHE A 320 -12.73 4.23 16.60
N GLU A 321 -12.94 4.17 17.94
CA GLU A 321 -14.27 4.16 18.56
C GLU A 321 -15.21 5.24 18.01
N SER A 322 -14.74 6.51 17.95
CA SER A 322 -15.52 7.66 17.46
C SER A 322 -15.86 7.60 15.97
N LEU A 323 -15.07 6.85 15.16
CA LEU A 323 -15.27 6.68 13.72
C LEU A 323 -15.85 5.35 13.29
N PHE A 324 -15.57 4.27 14.04
CA PHE A 324 -15.97 2.90 13.69
C PHE A 324 -17.44 2.62 13.62
N ASP A 325 -17.83 1.92 12.55
CA ASP A 325 -19.17 1.42 12.28
C ASP A 325 -18.96 0.01 11.69
N PRO A 326 -19.55 -1.07 12.29
CA PRO A 326 -19.34 -2.43 11.77
C PRO A 326 -19.72 -2.68 10.31
N LEU A 327 -20.57 -1.82 9.73
CA LEU A 327 -20.99 -1.93 8.33
C LEU A 327 -19.86 -1.67 7.33
N ASP A 328 -18.80 -0.95 7.75
CA ASP A 328 -17.60 -0.63 6.96
C ASP A 328 -16.78 -1.89 6.65
N LEU A 329 -16.88 -2.91 7.53
CA LEU A 329 -16.19 -4.20 7.39
C LEU A 329 -16.85 -5.04 6.29
N THR A 330 -18.12 -4.74 5.91
CA THR A 330 -18.87 -5.52 4.91
C THR A 330 -19.40 -4.77 3.68
N GLU A 331 -19.58 -3.45 3.77
CA GLU A 331 -20.09 -2.67 2.64
C GLU A 331 -19.09 -2.46 1.51
N GLY A 332 -19.57 -2.59 0.29
CA GLY A 332 -18.79 -2.38 -0.93
C GLY A 332 -17.66 -3.33 -1.18
N LEU A 333 -17.69 -4.51 -0.53
CA LEU A 333 -16.69 -5.55 -0.67
C LEU A 333 -16.78 -6.31 -1.97
N SER A 334 -15.64 -6.55 -2.61
CA SER A 334 -15.55 -7.34 -3.83
C SER A 334 -15.34 -8.79 -3.42
N GLU A 335 -15.72 -9.73 -4.30
CA GLU A 335 -15.52 -11.15 -4.04
C GLU A 335 -14.07 -11.50 -4.32
N ARG A 336 -13.65 -12.76 -4.05
CA ARG A 336 -12.28 -13.22 -4.24
C ARG A 336 -11.78 -12.91 -5.64
N PHE A 337 -10.61 -12.27 -5.75
CA PHE A 337 -10.01 -11.92 -7.03
C PHE A 337 -9.24 -13.12 -7.58
N HIS A 338 -9.58 -13.53 -8.80
CA HIS A 338 -8.93 -14.65 -9.49
C HIS A 338 -8.28 -14.18 -10.79
N PHE A 339 -7.01 -14.57 -10.99
CA PHE A 339 -6.23 -14.25 -12.18
C PHE A 339 -5.49 -15.50 -12.66
N ASP A 340 -5.65 -15.85 -13.96
CA ASP A 340 -4.99 -17.02 -14.55
C ASP A 340 -3.58 -16.63 -15.01
N GLU A 341 -2.61 -16.82 -14.10
CA GLU A 341 -1.18 -16.50 -14.32
C GLU A 341 -0.54 -17.52 -15.26
N SER A 342 -1.02 -18.79 -15.22
CA SER A 342 -0.55 -19.90 -16.05
C SER A 342 -0.70 -19.64 -17.56
N VAL A 343 -1.80 -18.98 -17.96
CA VAL A 343 -2.04 -18.66 -19.37
C VAL A 343 -1.19 -17.46 -19.85
N THR A 344 -0.46 -17.67 -20.96
CA THR A 344 0.42 -16.67 -21.59
C THR A 344 0.55 -16.91 -23.10
N ASP A 345 0.07 -15.93 -23.91
CA ASP A 345 0.09 -15.97 -25.38
C ASP A 345 -0.04 -14.56 -25.98
N VAL A 346 0.17 -14.42 -27.30
CA VAL A 346 0.11 -13.16 -28.02
C VAL A 346 -1.34 -12.63 -28.14
N TYR A 347 -2.14 -13.19 -29.08
CA TYR A 347 -3.53 -12.80 -29.36
C TYR A 347 -4.55 -13.21 -28.29
N ASP A 348 -4.22 -14.20 -27.43
CA ASP A 348 -5.09 -14.69 -26.37
C ASP A 348 -5.35 -13.67 -25.26
N MET A 349 -4.43 -12.72 -25.05
CA MET A 349 -4.55 -11.68 -24.02
C MET A 349 -5.38 -10.51 -24.52
N HIS A 350 -5.22 -10.15 -25.81
CA HIS A 350 -5.93 -9.04 -26.46
C HIS A 350 -7.44 -9.28 -26.62
N LYS A 351 -7.92 -10.54 -26.41
CA LYS A 351 -9.35 -10.87 -26.48
C LYS A 351 -10.08 -10.68 -25.13
N ILE A 352 -9.37 -10.91 -24.00
CA ILE A 352 -9.89 -10.72 -22.64
C ILE A 352 -9.84 -9.21 -22.29
N PHE A 353 -8.92 -8.47 -22.95
CA PHE A 353 -8.74 -7.02 -22.79
C PHE A 353 -10.02 -6.27 -23.19
N THR A 354 -10.60 -6.62 -24.35
CA THR A 354 -11.82 -6.02 -24.88
C THR A 354 -13.08 -6.58 -24.16
N ALA A 355 -12.94 -7.76 -23.50
CA ALA A 355 -14.03 -8.41 -22.75
C ALA A 355 -14.34 -7.68 -21.44
N GLU A 356 -13.29 -7.24 -20.71
CA GLU A 356 -13.43 -6.51 -19.44
C GLU A 356 -13.98 -5.10 -19.64
N VAL A 357 -13.52 -4.40 -20.70
CA VAL A 357 -13.97 -3.05 -21.04
C VAL A 357 -15.34 -3.06 -21.73
N GLU A 358 -16.26 -2.18 -21.30
CA GLU A 358 -17.60 -2.03 -21.85
C GLU A 358 -17.93 -0.60 -22.23
N ARG A 359 -17.35 0.39 -21.51
CA ARG A 359 -17.54 1.82 -21.74
C ARG A 359 -16.52 2.36 -22.75
N PHE A 360 -16.97 3.28 -23.63
CA PHE A 360 -16.15 3.90 -24.67
C PHE A 360 -15.39 5.13 -24.15
O2 SB2 B . 6.18 5.36 -7.04
C1 SB2 B . 4.70 3.20 -5.63
S1 SB2 B . 4.91 5.00 -5.81
CA1 SB2 B . 1.85 4.86 -8.45
CA2 SB2 B . 2.97 4.52 -7.71
CA3 SB2 B . 3.48 5.42 -6.77
CA4 SB2 B . 2.85 6.66 -6.58
CA5 SB2 B . 1.71 6.99 -7.32
CA6 SB2 B . 1.22 6.09 -8.27
NB1 SB2 B . -4.28 10.92 -9.54
CB2 SB2 B . -4.78 9.69 -9.78
CB3 SB2 B . -3.94 8.59 -9.84
CB4 SB2 B . -2.57 8.75 -9.66
CB5 SB2 B . -2.07 10.04 -9.41
CB6 SB2 B . -2.96 11.12 -9.36
NC1 SB2 B . -0.63 7.56 -8.86
CC2 SB2 B . 0.01 6.40 -9.10
NC3 SB2 B . -0.56 5.65 -10.08
CC4 SB2 B . -1.62 6.33 -10.54
CC5 SB2 B . -1.65 7.57 -9.73
CD1 SB2 B . -3.06 6.73 -12.58
CD2 SB2 B . -3.93 6.23 -13.55
CD3 SB2 B . -4.28 4.87 -13.55
CD4 SB2 B . -3.76 4.01 -12.59
CD5 SB2 B . -2.90 4.51 -11.62
CD6 SB2 B . -2.55 5.86 -11.60
FD3 SB2 B . -5.12 4.39 -14.48
#